data_7P0E
#
_entry.id   7P0E
#
_cell.length_a   39.150
_cell.length_b   59.460
_cell.length_c   180.070
_cell.angle_alpha   90.000
_cell.angle_beta   90.000
_cell.angle_gamma   90.000
#
_symmetry.space_group_name_H-M   'P 21 21 21'
#
loop_
_entity.id
_entity.type
_entity.pdbx_description
1 polymer 'Isoform 2 of Filamin-C'
2 non-polymer GLYCEROL
3 non-polymer 1,2-ETHANEDIOL
4 water water
#
_entity_poly.entity_id   1
_entity_poly.type   'polypeptide(L)'
_entity_poly.pdbx_seq_one_letter_code
;GPLPAHDASKVRASGPGLNASGIPASLPVEFTIDARDAGEGLLTVQILDPEGKPKKANIRDNGDGTYTVSYLPDMSGRYT
ITIKYGGDEIPYSPFRIHALPTGDASKCLVTVSIGGHGLGACLGPRIQIGQETVITVDAKAAGERKVTCTVSTPDGAELD
VDVVENHDGTFDIYYTAPEPGKYVITIRFGGEHIPNSPFHVLATE
;
_entity_poly.pdbx_strand_id   A,B
#
# COMPACT_ATOMS: atom_id res chain seq x y z
N PRO A 4 -12.23 -60.44 -1.86
CA PRO A 4 -11.66 -59.34 -1.06
C PRO A 4 -10.58 -58.48 -1.77
N ALA A 5 -10.42 -58.62 -3.10
CA ALA A 5 -9.22 -58.16 -3.77
C ALA A 5 -9.50 -56.99 -4.71
N HIS A 6 -8.41 -56.49 -5.30
CA HIS A 6 -8.51 -55.41 -6.25
C HIS A 6 -7.37 -55.58 -7.22
N ASP A 7 -7.49 -54.89 -8.34
CA ASP A 7 -6.47 -54.89 -9.38
C ASP A 7 -6.44 -53.46 -9.93
N ALA A 8 -5.49 -52.65 -9.44
CA ALA A 8 -5.46 -51.28 -9.87
C ALA A 8 -5.21 -51.16 -11.35
N SER A 9 -4.64 -52.20 -11.98
CA SER A 9 -4.29 -52.06 -13.38
C SER A 9 -5.52 -52.00 -14.26
N LYS A 10 -6.70 -52.30 -13.71
CA LYS A 10 -7.95 -52.33 -14.49
C LYS A 10 -8.73 -51.01 -14.35
N VAL A 11 -8.25 -50.11 -13.51
CA VAL A 11 -8.87 -48.79 -13.36
C VAL A 11 -8.58 -47.91 -14.56
N ARG A 12 -9.61 -47.22 -15.06
CA ARG A 12 -9.50 -46.30 -16.19
C ARG A 12 -9.73 -44.87 -15.71
N ALA A 13 -9.02 -43.94 -16.31
CA ALA A 13 -9.11 -42.55 -15.94
C ALA A 13 -9.20 -41.73 -17.22
N SER A 14 -10.02 -40.69 -17.19
CA SER A 14 -10.15 -39.86 -18.40
C SER A 14 -10.83 -38.58 -17.99
N GLY A 15 -10.69 -37.54 -18.84
CA GLY A 15 -11.47 -36.33 -18.65
C GLY A 15 -10.64 -35.08 -18.64
N PRO A 16 -11.31 -33.91 -18.62
CA PRO A 16 -10.59 -32.64 -18.85
C PRO A 16 -9.49 -32.37 -17.83
N GLY A 17 -9.62 -32.81 -16.62
CA GLY A 17 -8.51 -32.51 -15.67
C GLY A 17 -7.30 -33.42 -15.85
N LEU A 18 -7.36 -34.39 -16.74
CA LEU A 18 -6.20 -35.19 -17.08
C LEU A 18 -5.69 -34.87 -18.49
N ASN A 19 -6.08 -33.71 -19.02
CA ASN A 19 -5.65 -33.35 -20.37
C ASN A 19 -4.18 -32.93 -20.36
N ALA A 20 -3.31 -33.87 -20.70
CA ALA A 20 -1.87 -33.58 -20.65
C ALA A 20 -1.41 -32.61 -21.73
N SER A 21 -2.28 -32.24 -22.70
CA SER A 21 -1.89 -31.23 -23.71
C SER A 21 -1.91 -29.83 -23.12
N GLY A 22 -2.63 -29.64 -22.04
CA GLY A 22 -2.65 -28.39 -21.31
C GLY A 22 -4.03 -27.97 -20.96
N ILE A 23 -4.15 -27.37 -19.78
CA ILE A 23 -5.42 -26.85 -19.29
C ILE A 23 -5.19 -25.40 -18.89
N PRO A 24 -6.25 -24.59 -18.82
CA PRO A 24 -6.05 -23.17 -18.43
C PRO A 24 -5.95 -23.03 -16.92
N ALA A 25 -4.85 -22.45 -16.45
CA ALA A 25 -4.72 -22.08 -15.04
C ALA A 25 -5.87 -21.13 -14.66
N SER A 26 -6.31 -21.27 -13.43
CA SER A 26 -7.28 -20.45 -12.72
C SER A 26 -8.68 -20.99 -12.81
N LEU A 27 -8.93 -22.02 -13.67
CA LEU A 27 -10.27 -22.56 -13.89
C LEU A 27 -10.40 -23.93 -13.27
N PRO A 28 -11.47 -24.20 -12.56
CA PRO A 28 -11.64 -25.53 -12.00
C PRO A 28 -11.83 -26.56 -13.09
N VAL A 29 -11.43 -27.80 -12.80
CA VAL A 29 -11.52 -28.88 -13.78
C VAL A 29 -11.90 -30.20 -13.11
N GLU A 30 -12.46 -31.09 -13.89
CA GLU A 30 -12.87 -32.37 -13.33
C GLU A 30 -12.37 -33.50 -14.23
N PHE A 31 -12.32 -34.70 -13.65
CA PHE A 31 -12.11 -35.89 -14.44
C PHE A 31 -12.79 -37.07 -13.76
N THR A 32 -12.82 -38.17 -14.48
CA THR A 32 -13.59 -39.34 -14.10
C THR A 32 -12.69 -40.55 -13.92
N ILE A 33 -12.96 -41.37 -12.89
CA ILE A 33 -12.22 -42.60 -12.66
C ILE A 33 -13.22 -43.75 -12.71
N ASP A 34 -12.93 -44.74 -13.55
CA ASP A 34 -13.81 -45.91 -13.73
C ASP A 34 -13.10 -47.10 -13.15
N ALA A 35 -13.54 -47.53 -11.97
CA ALA A 35 -12.94 -48.70 -11.31
C ALA A 35 -13.82 -49.93 -11.35
N ARG A 36 -14.78 -49.99 -12.28
CA ARG A 36 -15.75 -51.10 -12.29
C ARG A 36 -15.12 -52.45 -12.48
N ASP A 37 -14.01 -52.52 -13.22
CA ASP A 37 -13.37 -53.79 -13.46
C ASP A 37 -12.23 -54.09 -12.49
N ALA A 38 -12.06 -53.24 -11.44
CA ALA A 38 -10.86 -53.24 -10.61
C ALA A 38 -11.07 -53.80 -9.22
N GLY A 39 -12.25 -54.36 -8.93
CA GLY A 39 -12.42 -55.00 -7.64
C GLY A 39 -12.73 -53.97 -6.57
N GLU A 40 -12.36 -54.30 -5.32
CA GLU A 40 -12.77 -53.53 -4.16
C GLU A 40 -11.56 -52.81 -3.58
N GLY A 41 -11.68 -51.50 -3.43
CA GLY A 41 -10.60 -50.72 -2.87
C GLY A 41 -10.96 -49.26 -2.73
N LEU A 42 -10.16 -48.58 -1.92
CA LEU A 42 -10.30 -47.14 -1.78
C LEU A 42 -9.54 -46.41 -2.90
N LEU A 43 -10.21 -45.47 -3.50
CA LEU A 43 -9.59 -44.57 -4.49
C LEU A 43 -8.96 -43.37 -3.78
N THR A 44 -7.70 -43.07 -4.11
CA THR A 44 -7.04 -41.89 -3.59
C THR A 44 -6.48 -41.11 -4.76
N VAL A 45 -6.53 -39.79 -4.65
CA VAL A 45 -6.00 -38.87 -5.62
C VAL A 45 -5.22 -37.80 -4.87
N GLN A 46 -3.91 -37.74 -5.13
CA GLN A 46 -3.04 -36.73 -4.56
C GLN A 46 -2.71 -35.77 -5.66
N ILE A 47 -2.74 -34.47 -5.38
CA ILE A 47 -2.34 -33.49 -6.35
C ILE A 47 -1.23 -32.63 -5.74
N LEU A 48 -0.13 -32.54 -6.46
CA LEU A 48 0.94 -31.60 -6.13
C LEU A 48 0.95 -30.47 -7.13
N ASP A 49 0.92 -29.22 -6.60
CA ASP A 49 1.00 -28.10 -7.50
C ASP A 49 2.43 -27.97 -8.04
N PRO A 50 2.64 -27.02 -8.94
CA PRO A 50 3.96 -26.91 -9.59
C PRO A 50 5.06 -26.57 -8.65
N GLU A 51 4.76 -26.17 -7.42
CA GLU A 51 5.80 -25.88 -6.41
C GLU A 51 5.97 -27.01 -5.43
N GLY A 52 5.19 -28.08 -5.59
CA GLY A 52 5.32 -29.28 -4.78
C GLY A 52 4.36 -29.29 -3.62
N LYS A 53 3.47 -28.33 -3.55
CA LYS A 53 2.55 -28.30 -2.42
C LYS A 53 1.27 -29.08 -2.69
N PRO A 54 0.76 -29.76 -1.67
CA PRO A 54 -0.47 -30.55 -1.87
C PRO A 54 -1.66 -29.65 -2.12
N LYS A 55 -2.51 -30.05 -3.06
CA LYS A 55 -3.76 -29.38 -3.39
C LYS A 55 -4.92 -30.36 -3.17
N LYS A 56 -6.05 -29.86 -2.70
CA LYS A 56 -7.19 -30.74 -2.40
C LYS A 56 -7.76 -31.30 -3.70
N ALA A 57 -7.98 -32.62 -3.74
CA ALA A 57 -8.75 -33.20 -4.81
C ALA A 57 -10.06 -33.63 -4.21
N ASN A 58 -11.17 -33.14 -4.77
CA ASN A 58 -12.48 -33.55 -4.27
C ASN A 58 -12.97 -34.77 -5.04
N ILE A 59 -13.26 -35.86 -4.32
CA ILE A 59 -13.65 -37.14 -4.91
C ILE A 59 -15.09 -37.40 -4.56
N ARG A 60 -15.93 -37.50 -5.60
CA ARG A 60 -17.30 -37.94 -5.45
C ARG A 60 -17.42 -39.41 -5.86
N ASP A 61 -17.77 -40.25 -4.90
CA ASP A 61 -18.01 -41.67 -5.18
C ASP A 61 -19.42 -41.79 -5.73
N ASN A 62 -19.56 -42.20 -7.01
CA ASN A 62 -20.88 -42.23 -7.61
C ASN A 62 -21.68 -43.49 -7.30
N GLY A 63 -21.14 -44.42 -6.48
CA GLY A 63 -21.90 -45.57 -6.05
C GLY A 63 -22.06 -46.65 -7.09
N ASP A 64 -21.30 -46.61 -8.17
CA ASP A 64 -21.46 -47.52 -9.28
C ASP A 64 -20.10 -47.95 -9.84
N GLY A 65 -19.04 -47.82 -9.05
CA GLY A 65 -17.70 -48.11 -9.46
C GLY A 65 -17.03 -46.98 -10.19
N THR A 66 -17.71 -45.85 -10.38
CA THR A 66 -17.08 -44.67 -10.97
C THR A 66 -16.97 -43.58 -9.93
N TYR A 67 -16.09 -42.59 -10.22
CA TYR A 67 -15.82 -41.46 -9.33
C TYR A 67 -15.62 -40.24 -10.19
N THR A 68 -16.08 -39.10 -9.68
CA THR A 68 -15.84 -37.81 -10.27
C THR A 68 -14.95 -36.98 -9.36
N VAL A 69 -13.83 -36.51 -9.91
CA VAL A 69 -12.78 -35.85 -9.14
C VAL A 69 -12.62 -34.43 -9.68
N SER A 70 -12.51 -33.47 -8.80
CA SER A 70 -12.25 -32.12 -9.26
C SER A 70 -11.12 -31.48 -8.47
N TYR A 71 -10.49 -30.50 -9.13
CA TYR A 71 -9.46 -29.74 -8.46
C TYR A 71 -9.33 -28.39 -9.17
N LEU A 72 -8.60 -27.49 -8.52
CA LEU A 72 -8.41 -26.13 -9.01
C LEU A 72 -6.94 -25.87 -9.29
N PRO A 73 -6.56 -25.78 -10.51
CA PRO A 73 -5.18 -25.44 -10.88
C PRO A 73 -4.93 -23.93 -10.86
N ASP A 74 -4.70 -23.43 -9.67
CA ASP A 74 -4.61 -21.98 -9.46
C ASP A 74 -3.31 -21.40 -10.03
N MET A 75 -2.26 -22.20 -10.14
CA MET A 75 -0.99 -21.67 -10.56
C MET A 75 -0.49 -22.31 -11.83
N SER A 76 0.19 -21.53 -12.66
N SER A 76 0.25 -21.53 -12.61
CA SER A 76 0.73 -22.06 -13.90
CA SER A 76 0.83 -22.02 -13.85
C SER A 76 1.85 -23.05 -13.62
C SER A 76 1.86 -23.09 -13.58
N GLY A 77 1.92 -24.07 -14.46
CA GLY A 77 2.94 -25.09 -14.43
C GLY A 77 2.35 -26.47 -14.35
N ARG A 78 3.22 -27.43 -14.09
CA ARG A 78 2.87 -28.85 -14.08
C ARG A 78 2.35 -29.31 -12.74
N TYR A 79 1.15 -29.84 -12.75
CA TYR A 79 0.56 -30.57 -11.64
C TYR A 79 0.87 -32.05 -11.78
N THR A 80 1.14 -32.69 -10.65
CA THR A 80 1.41 -34.14 -10.61
C THR A 80 0.28 -34.79 -9.86
N ILE A 81 -0.40 -35.71 -10.53
CA ILE A 81 -1.65 -36.28 -10.02
C ILE A 81 -1.43 -37.77 -9.86
N THR A 82 -1.38 -38.22 -8.60
CA THR A 82 -1.11 -39.61 -8.25
C THR A 82 -2.40 -40.27 -7.86
N ILE A 83 -2.75 -41.36 -8.55
CA ILE A 83 -4.04 -41.98 -8.40
C ILE A 83 -3.80 -43.43 -8.05
N LYS A 84 -4.36 -43.85 -6.92
CA LYS A 84 -4.20 -45.19 -6.42
C LYS A 84 -5.56 -45.78 -6.12
N TYR A 85 -5.66 -47.07 -6.36
CA TYR A 85 -6.85 -47.87 -6.05
C TYR A 85 -6.38 -49.01 -5.17
N GLY A 86 -6.93 -49.09 -3.97
CA GLY A 86 -6.49 -50.11 -3.05
C GLY A 86 -5.06 -49.94 -2.62
N GLY A 87 -4.56 -48.72 -2.62
CA GLY A 87 -3.19 -48.45 -2.26
C GLY A 87 -2.18 -48.71 -3.36
N ASP A 88 -2.61 -49.12 -4.53
CA ASP A 88 -1.73 -49.42 -5.64
C ASP A 88 -1.94 -48.42 -6.76
N GLU A 89 -0.85 -47.97 -7.34
CA GLU A 89 -0.96 -46.94 -8.35
C GLU A 89 -1.62 -47.45 -9.63
N ILE A 90 -2.51 -46.64 -10.22
CA ILE A 90 -3.18 -47.04 -11.44
C ILE A 90 -2.27 -46.83 -12.65
N PRO A 91 -2.59 -47.43 -13.80
CA PRO A 91 -1.73 -47.25 -14.97
C PRO A 91 -1.68 -45.77 -15.39
N TYR A 92 -0.52 -45.35 -15.85
CA TYR A 92 -0.20 -44.00 -16.35
C TYR A 92 -0.15 -42.97 -15.26
N SER A 93 -0.48 -43.34 -14.01
CA SER A 93 -0.20 -42.45 -12.86
C SER A 93 1.33 -42.48 -12.63
N PRO A 94 1.96 -41.36 -12.24
CA PRO A 94 1.25 -40.08 -12.00
C PRO A 94 1.03 -39.32 -13.30
N PHE A 95 -0.11 -38.65 -13.40
CA PHE A 95 -0.43 -37.83 -14.53
C PHE A 95 0.20 -36.47 -14.38
N ARG A 96 0.83 -35.98 -15.44
CA ARG A 96 1.54 -34.70 -15.38
C ARG A 96 0.79 -33.72 -16.29
N ILE A 97 0.12 -32.77 -15.68
CA ILE A 97 -0.87 -31.90 -16.31
C ILE A 97 -0.39 -30.46 -16.21
N HIS A 98 -0.06 -29.86 -17.35
CA HIS A 98 0.49 -28.50 -17.39
C HIS A 98 -0.67 -27.49 -17.44
N ALA A 99 -0.75 -26.65 -16.43
CA ALA A 99 -1.70 -25.53 -16.41
C ALA A 99 -1.03 -24.31 -17.04
N LEU A 100 -1.67 -23.75 -18.07
CA LEU A 100 -1.02 -22.67 -18.79
C LEU A 100 -1.62 -21.30 -18.42
N PRO A 101 -0.74 -20.30 -18.29
CA PRO A 101 -1.20 -18.95 -17.97
C PRO A 101 -1.79 -18.26 -19.17
N THR A 102 -2.72 -17.37 -18.93
CA THR A 102 -3.11 -16.37 -19.92
C THR A 102 -3.47 -15.06 -19.24
N GLY A 103 -3.43 -14.00 -20.02
CA GLY A 103 -3.76 -12.69 -19.49
C GLY A 103 -2.55 -12.02 -18.88
N ASP A 104 -2.82 -10.89 -18.24
CA ASP A 104 -1.77 -10.06 -17.63
C ASP A 104 -2.14 -9.75 -16.18
N ALA A 105 -1.64 -10.57 -15.27
CA ALA A 105 -1.93 -10.41 -13.87
C ALA A 105 -1.37 -9.10 -13.32
N SER A 106 -0.40 -8.50 -14.00
CA SER A 106 0.15 -7.25 -13.51
C SER A 106 -0.88 -6.13 -13.55
N LYS A 107 -1.96 -6.27 -14.31
CA LYS A 107 -3.01 -5.28 -14.44
C LYS A 107 -4.10 -5.39 -13.39
N CYS A 108 -3.98 -6.30 -12.44
CA CYS A 108 -4.94 -6.46 -11.37
C CYS A 108 -4.64 -5.45 -10.26
N LEU A 109 -5.71 -4.96 -9.64
CA LEU A 109 -5.64 -3.93 -8.61
C LEU A 109 -6.31 -4.44 -7.34
N VAL A 110 -5.64 -4.28 -6.21
CA VAL A 110 -6.08 -4.83 -4.93
C VAL A 110 -6.62 -3.74 -4.03
N THR A 111 -7.75 -4.03 -3.38
CA THR A 111 -8.30 -3.22 -2.29
C THR A 111 -8.54 -4.15 -1.09
N VAL A 112 -8.11 -3.73 0.12
CA VAL A 112 -8.23 -4.49 1.37
C VAL A 112 -9.20 -3.77 2.28
N SER A 113 -10.03 -4.53 2.97
CA SER A 113 -10.96 -3.95 3.93
C SER A 113 -10.98 -4.86 5.14
N ILE A 114 -10.92 -4.26 6.31
CA ILE A 114 -11.00 -4.98 7.58
C ILE A 114 -11.87 -4.17 8.52
N GLY A 115 -12.85 -4.84 9.11
CA GLY A 115 -13.62 -4.22 10.15
C GLY A 115 -14.34 -2.97 9.68
N GLY A 116 -14.81 -2.99 8.44
CA GLY A 116 -15.49 -1.86 7.90
C GLY A 116 -14.61 -0.75 7.37
N HIS A 117 -13.29 -0.89 7.43
CA HIS A 117 -12.38 0.15 6.98
C HIS A 117 -11.65 -0.25 5.72
N GLY A 118 -11.68 0.62 4.71
CA GLY A 118 -10.93 0.40 3.50
C GLY A 118 -9.50 0.79 3.76
N LEU A 119 -8.57 -0.10 3.39
CA LEU A 119 -7.16 0.06 3.72
C LEU A 119 -6.33 0.23 2.47
N GLY A 120 -6.98 0.55 1.35
CA GLY A 120 -6.25 0.60 0.07
C GLY A 120 -5.63 -0.75 -0.28
N ALA A 121 -4.47 -0.69 -0.94
CA ALA A 121 -3.77 -1.89 -1.35
C ALA A 121 -2.94 -2.50 -0.23
N CYS A 122 -3.19 -2.10 1.01
CA CYS A 122 -2.29 -2.38 2.12
C CYS A 122 -2.84 -3.56 2.90
N LEU A 123 -2.18 -4.69 2.77
CA LEU A 123 -2.44 -5.88 3.58
C LEU A 123 -1.23 -6.17 4.46
N GLY A 124 -1.50 -6.49 5.72
CA GLY A 124 -0.43 -6.89 6.64
C GLY A 124 0.21 -5.64 7.10
N PRO A 125 1.27 -5.75 7.93
CA PRO A 125 2.00 -6.97 8.34
C PRO A 125 1.24 -7.85 9.33
N ARG A 126 0.29 -7.26 10.06
CA ARG A 126 -0.38 -8.00 11.12
C ARG A 126 -1.87 -7.91 10.96
N ILE A 127 -2.55 -9.00 11.30
CA ILE A 127 -4.01 -9.08 11.35
C ILE A 127 -4.42 -9.80 12.62
N GLN A 128 -5.69 -9.65 12.99
CA GLN A 128 -6.19 -10.19 14.23
C GLN A 128 -6.89 -11.51 13.94
N ILE A 129 -6.56 -12.52 14.76
CA ILE A 129 -7.23 -13.80 14.67
C ILE A 129 -8.74 -13.63 14.77
N GLY A 130 -9.47 -14.31 13.91
CA GLY A 130 -10.93 -14.27 13.94
C GLY A 130 -11.57 -13.03 13.38
N GLN A 131 -10.79 -12.12 12.78
CA GLN A 131 -11.31 -10.89 12.17
C GLN A 131 -11.25 -11.07 10.65
N GLU A 132 -12.40 -10.99 9.97
CA GLU A 132 -12.36 -11.22 8.53
C GLU A 132 -11.65 -10.06 7.80
N THR A 133 -10.85 -10.46 6.83
CA THR A 133 -10.27 -9.58 5.82
C THR A 133 -11.01 -9.82 4.52
N VAL A 134 -11.35 -8.72 3.83
CA VAL A 134 -11.94 -8.80 2.49
C VAL A 134 -10.92 -8.20 1.54
N ILE A 135 -10.46 -9.00 0.61
CA ILE A 135 -9.50 -8.53 -0.41
C ILE A 135 -10.24 -8.51 -1.74
N THR A 136 -10.38 -7.34 -2.31
CA THR A 136 -11.11 -7.22 -3.60
C THR A 136 -10.07 -7.00 -4.69
N VAL A 137 -10.13 -7.82 -5.74
CA VAL A 137 -9.18 -7.74 -6.86
C VAL A 137 -9.97 -7.23 -8.07
N ASP A 138 -9.55 -6.09 -8.61
CA ASP A 138 -10.11 -5.56 -9.85
C ASP A 138 -9.27 -6.15 -10.98
N ALA A 139 -9.84 -7.08 -11.72
CA ALA A 139 -9.15 -7.74 -12.81
C ALA A 139 -9.68 -7.30 -14.17
N LYS A 140 -10.37 -6.15 -14.21
CA LYS A 140 -11.05 -5.73 -15.42
C LYS A 140 -10.11 -5.66 -16.62
N ALA A 141 -8.87 -5.23 -16.41
CA ALA A 141 -7.94 -5.04 -17.51
C ALA A 141 -6.99 -6.22 -17.73
N ALA A 142 -7.15 -7.32 -17.00
CA ALA A 142 -6.18 -8.42 -17.02
C ALA A 142 -6.51 -9.53 -18.02
N GLY A 143 -7.73 -9.63 -18.51
CA GLY A 143 -8.09 -10.65 -19.47
C GLY A 143 -9.16 -11.61 -18.96
N GLU A 144 -9.33 -12.71 -19.70
CA GLU A 144 -10.52 -13.56 -19.63
C GLU A 144 -10.53 -14.56 -18.48
N ARG A 145 -9.44 -14.73 -17.75
N ARG A 145 -9.45 -14.74 -17.76
CA ARG A 145 -9.34 -15.78 -16.74
CA ARG A 145 -9.36 -15.81 -16.76
C ARG A 145 -9.83 -15.27 -15.38
C ARG A 145 -9.84 -15.29 -15.40
N LYS A 146 -9.52 -16.01 -14.32
CA LYS A 146 -10.07 -15.76 -13.01
C LYS A 146 -8.99 -15.46 -11.99
N VAL A 147 -9.39 -14.83 -10.92
CA VAL A 147 -8.55 -14.63 -9.75
C VAL A 147 -8.73 -15.82 -8.83
N THR A 148 -7.61 -16.31 -8.25
CA THR A 148 -7.67 -17.42 -7.30
C THR A 148 -6.90 -16.97 -6.08
N CYS A 149 -7.13 -17.70 -4.96
CA CYS A 149 -6.45 -17.38 -3.71
C CYS A 149 -6.11 -18.67 -3.00
N THR A 150 -4.84 -18.81 -2.59
CA THR A 150 -4.46 -19.93 -1.74
C THR A 150 -3.81 -19.37 -0.50
N VAL A 151 -4.04 -20.00 0.64
CA VAL A 151 -3.47 -19.53 1.88
C VAL A 151 -2.62 -20.64 2.45
N SER A 152 -1.38 -20.30 2.80
CA SER A 152 -0.49 -21.20 3.54
C SER A 152 -0.69 -20.90 5.01
N THR A 153 -1.12 -21.90 5.77
CA THR A 153 -1.48 -21.67 7.16
C THR A 153 -0.34 -22.11 8.03
N PRO A 154 -0.25 -21.56 9.25
CA PRO A 154 0.83 -21.98 10.15
C PRO A 154 0.79 -23.47 10.43
N ASP A 155 -0.38 -24.09 10.19
CA ASP A 155 -0.66 -25.52 10.15
C ASP A 155 0.39 -26.28 9.36
N GLY A 156 0.96 -25.59 8.39
CA GLY A 156 1.66 -26.27 7.31
C GLY A 156 0.76 -26.61 6.15
N ALA A 157 -0.53 -26.33 6.26
CA ALA A 157 -1.50 -26.69 5.24
C ALA A 157 -1.60 -25.60 4.17
N GLU A 158 -2.19 -25.99 3.05
CA GLU A 158 -2.26 -25.12 1.87
C GLU A 158 -3.70 -25.14 1.38
N LEU A 159 -4.43 -24.07 1.60
CA LEU A 159 -5.88 -24.06 1.43
C LEU A 159 -6.29 -23.28 0.19
N ASP A 160 -7.17 -23.86 -0.63
CA ASP A 160 -7.82 -23.07 -1.63
C ASP A 160 -8.87 -22.23 -0.94
N VAL A 161 -8.82 -20.95 -1.14
CA VAL A 161 -9.81 -20.04 -0.60
C VAL A 161 -10.78 -19.73 -1.72
N ASP A 162 -12.04 -19.90 -1.46
CA ASP A 162 -13.04 -19.67 -2.51
C ASP A 162 -13.03 -18.17 -2.82
N VAL A 163 -13.14 -17.85 -4.10
CA VAL A 163 -13.11 -16.48 -4.56
C VAL A 163 -14.44 -16.24 -5.20
N VAL A 164 -15.09 -15.12 -4.83
CA VAL A 164 -16.37 -14.76 -5.41
C VAL A 164 -16.15 -13.93 -6.68
N GLU A 165 -16.75 -14.37 -7.76
CA GLU A 165 -16.63 -13.69 -9.04
C GLU A 165 -17.88 -12.81 -9.18
N ASN A 166 -17.69 -11.50 -9.27
CA ASN A 166 -18.82 -10.59 -9.36
C ASN A 166 -19.27 -10.38 -10.81
N HIS A 167 -18.53 -10.91 -11.78
CA HIS A 167 -18.90 -10.88 -13.21
C HIS A 167 -18.93 -9.46 -13.77
N ASP A 168 -18.26 -8.53 -13.09
CA ASP A 168 -17.97 -7.20 -13.61
C ASP A 168 -16.47 -6.98 -13.71
N GLY A 169 -15.69 -8.06 -13.63
CA GLY A 169 -14.23 -8.03 -13.69
C GLY A 169 -13.57 -8.00 -12.35
N THR A 170 -14.35 -7.96 -11.27
CA THR A 170 -13.79 -7.94 -9.92
C THR A 170 -14.18 -9.22 -9.19
N PHE A 171 -13.41 -9.52 -8.17
CA PHE A 171 -13.44 -10.77 -7.41
C PHE A 171 -13.22 -10.39 -5.97
N ASP A 172 -13.98 -11.01 -5.08
CA ASP A 172 -13.84 -10.74 -3.63
C ASP A 172 -13.29 -11.98 -2.96
N ILE A 173 -12.25 -11.80 -2.13
CA ILE A 173 -11.69 -12.87 -1.32
C ILE A 173 -12.05 -12.58 0.16
N TYR A 174 -12.71 -13.52 0.82
CA TYR A 174 -12.98 -13.38 2.24
C TYR A 174 -12.12 -14.38 2.98
N TYR A 175 -11.40 -13.92 3.98
CA TYR A 175 -10.53 -14.88 4.73
C TYR A 175 -10.40 -14.43 6.17
N THR A 176 -10.59 -15.39 7.08
CA THR A 176 -10.41 -15.20 8.50
C THR A 176 -9.32 -16.16 8.98
N ALA A 177 -8.30 -15.61 9.58
CA ALA A 177 -7.26 -16.43 10.21
C ALA A 177 -7.78 -17.00 11.52
N PRO A 178 -7.89 -18.35 11.66
CA PRO A 178 -8.47 -18.93 12.89
C PRO A 178 -7.47 -19.12 14.01
N GLU A 179 -6.17 -19.08 13.71
CA GLU A 179 -5.15 -19.46 14.69
C GLU A 179 -3.99 -18.47 14.60
N PRO A 180 -3.26 -18.25 15.70
CA PRO A 180 -2.08 -17.38 15.61
C PRO A 180 -0.99 -17.97 14.73
N GLY A 181 -0.21 -17.10 14.12
CA GLY A 181 1.00 -17.51 13.42
C GLY A 181 1.13 -16.84 12.07
N LYS A 182 2.11 -17.29 11.31
CA LYS A 182 2.43 -16.73 10.03
C LYS A 182 1.54 -17.39 8.96
N TYR A 183 0.99 -16.55 8.11
CA TYR A 183 0.16 -16.90 7.00
C TYR A 183 0.78 -16.33 5.71
N VAL A 184 0.69 -17.07 4.61
CA VAL A 184 1.01 -16.53 3.29
C VAL A 184 -0.25 -16.58 2.45
N ILE A 185 -0.65 -15.44 1.93
CA ILE A 185 -1.86 -15.31 1.12
C ILE A 185 -1.38 -15.04 -0.30
N THR A 186 -1.60 -16.03 -1.17
CA THR A 186 -1.18 -15.97 -2.57
C THR A 186 -2.40 -15.65 -3.41
N ILE A 187 -2.30 -14.62 -4.21
CA ILE A 187 -3.42 -14.23 -5.09
C ILE A 187 -2.93 -14.24 -6.53
N ARG A 188 -3.51 -15.08 -7.36
CA ARG A 188 -3.10 -15.18 -8.74
C ARG A 188 -4.25 -14.82 -9.69
N PHE A 189 -3.87 -14.40 -10.89
CA PHE A 189 -4.81 -14.21 -11.99
C PHE A 189 -4.33 -15.05 -13.16
N GLY A 190 -5.18 -15.94 -13.69
CA GLY A 190 -4.79 -16.74 -14.81
C GLY A 190 -3.48 -17.49 -14.56
N GLY A 191 -3.24 -17.84 -13.30
CA GLY A 191 -2.08 -18.66 -12.95
C GLY A 191 -0.87 -17.90 -12.36
N GLU A 192 -0.85 -16.58 -12.44
CA GLU A 192 0.31 -15.80 -12.11
C GLU A 192 0.02 -14.81 -10.99
N HIS A 193 1.05 -14.56 -10.14
CA HIS A 193 0.91 -13.64 -9.04
C HIS A 193 0.45 -12.28 -9.50
N ILE A 194 -0.56 -11.72 -8.85
CA ILE A 194 -0.86 -10.32 -9.04
C ILE A 194 0.21 -9.50 -8.32
N PRO A 195 0.31 -8.19 -8.57
CA PRO A 195 1.33 -7.39 -7.91
C PRO A 195 1.26 -7.52 -6.39
N ASN A 196 2.45 -7.66 -5.77
CA ASN A 196 2.65 -7.78 -4.33
C ASN A 196 2.18 -9.12 -3.76
N SER A 197 1.65 -10.01 -4.59
CA SER A 197 1.52 -11.37 -4.11
C SER A 197 2.86 -12.06 -4.19
N PRO A 198 3.19 -12.96 -3.25
CA PRO A 198 2.38 -13.35 -2.10
C PRO A 198 2.47 -12.35 -0.96
N PHE A 199 1.40 -12.31 -0.21
CA PHE A 199 1.25 -11.44 0.94
C PHE A 199 1.58 -12.22 2.23
N HIS A 200 2.55 -11.72 2.96
CA HIS A 200 2.97 -12.34 4.23
C HIS A 200 2.33 -11.58 5.36
N VAL A 201 1.55 -12.27 6.19
CA VAL A 201 0.90 -11.63 7.33
C VAL A 201 1.06 -12.51 8.57
N LEU A 202 1.07 -11.88 9.70
CA LEU A 202 1.14 -12.54 10.99
C LEU A 202 -0.19 -12.29 11.70
N ALA A 203 -0.89 -13.36 12.07
CA ALA A 203 -2.13 -13.26 12.82
C ALA A 203 -1.83 -13.33 14.31
N THR A 204 -2.41 -12.41 15.07
CA THR A 204 -2.19 -12.35 16.50
C THR A 204 -3.53 -12.21 17.23
N GLU A 205 -3.51 -12.39 18.54
CA GLU A 205 -4.69 -12.11 19.37
C GLU A 205 -5.09 -10.64 19.21
N PRO B 4 0.40 60.61 6.71
CA PRO B 4 1.86 60.56 6.59
C PRO B 4 2.34 59.71 5.44
N ALA B 5 3.53 60.01 4.92
CA ALA B 5 4.06 59.26 3.79
C ALA B 5 4.73 58.02 4.32
N HIS B 6 5.38 57.29 3.43
CA HIS B 6 6.23 56.17 3.79
C HIS B 6 7.51 56.30 3.00
N ASP B 7 8.56 55.65 3.49
CA ASP B 7 9.83 55.61 2.79
C ASP B 7 10.38 54.20 3.01
N ALA B 8 10.13 53.32 2.04
CA ALA B 8 10.56 51.95 2.18
C ALA B 8 12.07 51.80 2.24
N SER B 9 12.84 52.77 1.80
CA SER B 9 14.30 52.66 1.86
C SER B 9 14.83 52.70 3.27
N LYS B 10 14.02 53.05 4.24
CA LYS B 10 14.41 53.11 5.63
C LYS B 10 14.05 51.84 6.38
N VAL B 11 13.43 50.91 5.75
CA VAL B 11 13.01 49.68 6.43
C VAL B 11 14.22 48.77 6.55
N ARG B 12 14.38 48.17 7.70
CA ARG B 12 15.49 47.25 7.99
C ARG B 12 14.99 45.87 8.33
N ALA B 13 15.73 44.85 7.90
CA ALA B 13 15.34 43.46 8.14
C ALA B 13 16.46 42.72 8.88
N SER B 14 16.07 41.82 9.78
CA SER B 14 17.07 41.10 10.54
C SER B 14 16.44 39.86 11.16
N GLY B 15 17.30 38.99 11.66
CA GLY B 15 16.86 37.89 12.46
C GLY B 15 17.05 36.54 11.81
N PRO B 16 16.76 35.47 12.57
CA PRO B 16 17.16 34.13 12.10
C PRO B 16 16.60 33.73 10.77
N GLY B 17 15.38 34.08 10.49
CA GLY B 17 14.72 33.68 9.27
C GLY B 17 15.28 34.28 8.00
N LEU B 18 16.24 35.16 8.12
CA LEU B 18 16.95 35.78 7.01
C LEU B 18 18.43 35.53 7.11
N ASN B 19 18.83 34.61 7.98
CA ASN B 19 20.27 34.39 8.19
C ASN B 19 20.96 34.09 6.87
N ALA B 20 22.01 34.88 6.57
CA ALA B 20 22.68 34.75 5.28
C ALA B 20 23.46 33.46 5.19
N SER B 21 23.85 32.87 6.32
CA SER B 21 24.58 31.60 6.33
C SER B 21 23.68 30.40 6.15
N GLY B 22 22.38 30.59 6.05
CA GLY B 22 21.41 29.52 5.89
C GLY B 22 20.62 29.30 7.17
N ILE B 23 19.49 28.59 7.02
CA ILE B 23 18.60 28.27 8.13
C ILE B 23 18.35 26.77 8.13
N PRO B 24 18.02 26.16 9.28
CA PRO B 24 17.76 24.72 9.29
C PRO B 24 16.40 24.40 8.66
N ALA B 25 16.41 23.56 7.64
CA ALA B 25 15.13 23.10 7.13
C ALA B 25 14.42 22.26 8.19
N SER B 26 13.07 22.31 8.16
CA SER B 26 12.11 21.61 8.99
C SER B 26 11.76 22.38 10.28
N LEU B 27 12.51 23.42 10.62
CA LEU B 27 12.28 24.16 11.86
C LEU B 27 11.54 25.47 11.57
N PRO B 28 10.50 25.79 12.33
CA PRO B 28 9.86 27.09 12.12
C PRO B 28 10.87 28.18 12.47
N VAL B 29 10.78 29.29 11.77
CA VAL B 29 11.75 30.36 11.94
C VAL B 29 11.03 31.70 11.89
N GLU B 30 11.64 32.69 12.53
CA GLU B 30 11.13 34.05 12.60
C GLU B 30 12.18 35.02 12.11
N PHE B 31 11.72 36.16 11.62
CA PHE B 31 12.59 37.29 11.40
C PHE B 31 11.80 38.57 11.70
N THR B 32 12.54 39.67 11.80
CA THR B 32 11.98 40.97 12.20
C THR B 32 12.08 41.97 11.06
N ILE B 33 11.04 42.75 10.86
CA ILE B 33 11.10 43.87 9.94
C ILE B 33 10.91 45.14 10.75
N ASP B 34 11.84 46.08 10.60
CA ASP B 34 11.84 47.29 11.45
C ASP B 34 11.53 48.48 10.56
N ALA B 35 10.32 48.99 10.68
CA ALA B 35 9.92 50.12 9.86
C ALA B 35 9.76 51.38 10.68
N ARG B 36 10.45 51.44 11.85
CA ARG B 36 10.26 52.58 12.73
C ARG B 36 10.60 53.92 12.07
N ASP B 37 11.54 53.93 11.12
CA ASP B 37 11.95 55.17 10.46
C ASP B 37 11.32 55.34 9.07
N ALA B 38 10.30 54.56 8.75
CA ALA B 38 9.81 54.41 7.38
C ALA B 38 8.44 55.04 7.14
N GLY B 39 7.87 55.71 8.14
CA GLY B 39 6.53 56.23 7.90
C GLY B 39 5.46 55.15 7.97
N GLU B 40 4.34 55.40 7.29
CA GLU B 40 3.12 54.63 7.47
C GLU B 40 2.83 53.92 6.15
N GLY B 41 2.67 52.62 6.22
CA GLY B 41 2.31 51.84 5.05
C GLY B 41 2.09 50.42 5.51
N LEU B 42 1.54 49.62 4.59
CA LEU B 42 1.37 48.19 4.83
C LEU B 42 2.64 47.46 4.53
N LEU B 43 2.97 46.51 5.39
CA LEU B 43 4.07 45.58 5.14
C LEU B 43 3.55 44.33 4.44
N THR B 44 4.17 43.96 3.34
CA THR B 44 3.82 42.71 2.67
C THR B 44 5.06 41.87 2.54
N VAL B 45 4.81 40.58 2.67
CA VAL B 45 5.85 39.56 2.58
C VAL B 45 5.35 38.40 1.74
N GLN B 46 6.06 38.11 0.69
CA GLN B 46 5.71 37.06 -0.23
C GLN B 46 6.90 36.12 -0.31
N ILE B 47 6.63 34.84 -0.14
CA ILE B 47 7.67 33.81 -0.09
C ILE B 47 7.41 32.81 -1.18
N LEU B 48 8.41 32.58 -2.02
CA LEU B 48 8.39 31.42 -2.92
C LEU B 48 9.32 30.35 -2.37
N ASP B 49 8.85 29.13 -2.33
CA ASP B 49 9.60 28.03 -1.76
C ASP B 49 10.49 27.41 -2.85
N PRO B 50 11.29 26.41 -2.49
CA PRO B 50 12.27 25.88 -3.45
C PRO B 50 11.65 25.17 -4.65
N GLU B 51 10.36 24.84 -4.64
CA GLU B 51 9.68 24.27 -5.79
C GLU B 51 8.95 25.38 -6.56
N GLY B 52 9.24 26.61 -6.19
CA GLY B 52 8.69 27.78 -6.85
C GLY B 52 7.26 28.09 -6.52
N LYS B 53 6.75 27.58 -5.38
CA LYS B 53 5.40 27.79 -5.04
C LYS B 53 5.25 28.79 -3.92
N PRO B 54 4.10 29.49 -3.83
CA PRO B 54 3.90 30.37 -2.70
C PRO B 54 3.88 29.66 -1.34
N LYS B 55 4.40 30.32 -0.33
CA LYS B 55 4.42 29.82 1.04
C LYS B 55 3.88 30.86 1.99
N LYS B 56 3.03 30.43 2.91
CA LYS B 56 2.46 31.34 3.90
C LYS B 56 3.51 32.07 4.73
N ALA B 57 3.38 33.40 4.78
CA ALA B 57 4.18 34.23 5.67
C ALA B 57 3.22 34.86 6.66
N ASN B 58 3.40 34.52 7.92
CA ASN B 58 2.58 35.06 8.98
C ASN B 58 3.22 36.36 9.47
N ILE B 59 2.47 37.47 9.41
CA ILE B 59 2.99 38.77 9.80
C ILE B 59 2.32 39.21 11.08
N ARG B 60 3.10 39.41 12.13
CA ARG B 60 2.59 39.98 13.39
C ARG B 60 3.04 41.43 13.48
N ASP B 61 2.05 42.35 13.57
CA ASP B 61 2.36 43.78 13.79
C ASP B 61 2.56 44.01 15.27
N ASN B 62 3.76 44.33 15.68
CA ASN B 62 4.06 44.50 17.11
C ASN B 62 3.59 45.85 17.69
N GLY B 63 2.89 46.66 16.90
CA GLY B 63 2.36 47.92 17.41
C GLY B 63 3.41 48.95 17.76
N ASP B 64 4.62 48.80 17.23
CA ASP B 64 5.74 49.63 17.63
C ASP B 64 6.65 49.99 16.46
N GLY B 65 6.14 49.79 15.22
CA GLY B 65 6.91 50.02 14.05
C GLY B 65 7.68 48.83 13.61
N THR B 66 7.55 47.71 14.34
CA THR B 66 8.25 46.48 13.97
C THR B 66 7.23 45.36 13.79
N TYR B 67 7.66 44.36 13.07
CA TYR B 67 6.82 43.24 12.67
C TYR B 67 7.64 41.98 12.83
N THR B 68 7.01 40.92 13.34
CA THR B 68 7.59 39.60 13.44
C THR B 68 6.98 38.72 12.38
N VAL B 69 7.83 38.14 11.56
CA VAL B 69 7.37 37.39 10.39
C VAL B 69 7.85 35.96 10.56
N SER B 70 6.94 35.00 10.41
CA SER B 70 7.31 33.62 10.67
C SER B 70 6.91 32.77 9.48
N TYR B 71 7.72 31.77 9.22
CA TYR B 71 7.42 30.81 8.18
C TYR B 71 8.06 29.49 8.54
N LEU B 72 7.64 28.44 7.81
CA LEU B 72 8.15 27.09 8.03
C LEU B 72 8.89 26.57 6.79
N PRO B 73 10.19 26.53 6.79
CA PRO B 73 10.91 25.99 5.62
C PRO B 73 10.87 24.46 5.67
N ASP B 74 9.80 23.87 5.14
CA ASP B 74 9.62 22.40 5.23
C ASP B 74 10.61 21.67 4.34
N MET B 75 11.04 22.31 3.24
CA MET B 75 11.86 21.63 2.26
C MET B 75 13.15 22.36 2.13
N SER B 76 14.20 21.60 1.81
CA SER B 76 15.52 22.16 1.60
C SER B 76 15.50 22.97 0.32
N GLY B 77 16.37 23.96 0.28
CA GLY B 77 16.56 24.81 -0.89
C GLY B 77 16.37 26.30 -0.64
N ARG B 78 16.23 27.02 -1.74
CA ARG B 78 16.16 28.48 -1.72
C ARG B 78 14.74 28.94 -1.55
N TYR B 79 14.55 29.81 -0.56
CA TYR B 79 13.32 30.57 -0.32
C TYR B 79 13.56 32.03 -0.75
N THR B 80 12.72 32.52 -1.64
CA THR B 80 12.84 33.90 -2.15
C THR B 80 11.78 34.72 -1.46
N ILE B 81 12.19 35.72 -0.70
CA ILE B 81 11.26 36.45 0.18
C ILE B 81 11.23 37.92 -0.29
N THR B 82 10.08 38.33 -0.82
CA THR B 82 9.91 39.67 -1.39
C THR B 82 9.17 40.51 -0.37
N ILE B 83 9.76 41.65 0.03
CA ILE B 83 9.22 42.42 1.13
C ILE B 83 9.02 43.87 0.65
N LYS B 84 7.80 44.41 0.81
CA LYS B 84 7.46 45.73 0.37
C LYS B 84 6.82 46.45 1.53
N TYR B 85 7.00 47.77 1.55
CA TYR B 85 6.37 48.63 2.55
C TYR B 85 5.71 49.81 1.85
N GLY B 86 4.43 49.96 2.09
CA GLY B 86 3.71 51.00 1.38
C GLY B 86 3.69 50.78 -0.11
N GLY B 87 3.91 49.55 -0.54
CA GLY B 87 3.88 49.24 -1.96
C GLY B 87 5.25 49.24 -2.62
N ASP B 88 6.30 49.65 -1.93
CA ASP B 88 7.63 49.72 -2.48
C ASP B 88 8.57 48.72 -1.82
N GLU B 89 9.33 48.05 -2.66
CA GLU B 89 10.27 47.02 -2.22
C GLU B 89 11.37 47.62 -1.36
N ILE B 90 11.70 46.92 -0.27
CA ILE B 90 12.61 47.44 0.77
C ILE B 90 14.05 47.08 0.35
N PRO B 91 15.05 47.74 0.89
CA PRO B 91 16.43 47.39 0.59
C PRO B 91 16.72 45.95 0.90
N TYR B 92 17.48 45.33 0.01
CA TYR B 92 17.94 43.95 0.04
C TYR B 92 16.85 42.92 -0.24
N SER B 93 15.62 43.34 -0.47
CA SER B 93 14.63 42.40 -1.03
C SER B 93 14.83 42.30 -2.54
N PRO B 94 14.61 41.13 -3.13
CA PRO B 94 14.18 39.89 -2.45
C PRO B 94 15.34 39.20 -1.75
N PHE B 95 15.07 38.71 -0.57
CA PHE B 95 16.00 37.87 0.19
C PHE B 95 16.00 36.47 -0.31
N ARG B 96 17.19 35.88 -0.41
CA ARG B 96 17.40 34.55 -0.95
C ARG B 96 17.96 33.71 0.20
N ILE B 97 17.09 32.93 0.83
CA ILE B 97 17.42 32.22 2.08
C ILE B 97 17.50 30.74 1.79
N HIS B 98 18.60 30.16 2.20
CA HIS B 98 18.93 28.75 1.95
C HIS B 98 18.58 27.91 3.16
N ALA B 99 17.52 27.11 3.03
CA ALA B 99 17.17 26.13 4.05
C ALA B 99 18.03 24.91 3.82
N LEU B 100 18.79 24.52 4.84
CA LEU B 100 19.81 23.48 4.74
C LEU B 100 19.33 22.21 5.42
N PRO B 101 19.52 21.05 4.79
CA PRO B 101 19.22 19.80 5.46
C PRO B 101 20.34 19.36 6.38
N THR B 102 19.95 18.67 7.45
CA THR B 102 20.92 17.88 8.22
C THR B 102 20.28 16.55 8.55
N GLY B 103 21.12 15.62 8.99
CA GLY B 103 20.68 14.27 9.27
C GLY B 103 20.49 13.44 8.02
N ASP B 104 19.87 12.28 8.23
CA ASP B 104 19.54 11.33 7.18
C ASP B 104 18.06 11.05 7.26
N ALA B 105 17.28 11.68 6.37
CA ALA B 105 15.88 11.36 6.27
C ALA B 105 15.63 9.91 5.93
N SER B 106 16.54 9.29 5.19
CA SER B 106 16.36 7.90 4.77
C SER B 106 16.40 6.92 5.94
N LYS B 107 16.86 7.33 7.11
CA LYS B 107 16.82 6.50 8.30
C LYS B 107 15.47 6.55 9.02
N CYS B 108 14.55 7.39 8.57
CA CYS B 108 13.23 7.44 9.16
C CYS B 108 12.46 6.18 8.78
N LEU B 109 11.66 5.70 9.72
CA LEU B 109 10.75 4.59 9.49
C LEU B 109 9.32 5.08 9.65
N VAL B 110 8.44 4.68 8.75
CA VAL B 110 7.06 5.17 8.75
C VAL B 110 6.10 4.00 8.83
N THR B 111 5.12 4.12 9.72
CA THR B 111 4.03 3.16 9.88
C THR B 111 2.74 3.94 9.77
N VAL B 112 1.77 3.38 9.08
CA VAL B 112 0.51 4.05 8.79
C VAL B 112 -0.60 3.22 9.44
N SER B 113 -1.61 3.88 9.93
CA SER B 113 -2.71 3.17 10.59
C SER B 113 -4.02 3.81 10.19
N ILE B 114 -5.04 2.99 9.95
CA ILE B 114 -6.39 3.48 9.63
C ILE B 114 -7.38 2.69 10.47
N GLY B 115 -8.12 3.39 11.34
CA GLY B 115 -9.07 2.67 12.14
C GLY B 115 -8.46 1.70 13.12
N GLY B 116 -7.21 1.91 13.50
CA GLY B 116 -6.52 0.95 14.34
C GLY B 116 -5.86 -0.19 13.62
N HIS B 117 -5.97 -0.25 12.29
CA HIS B 117 -5.32 -1.31 11.51
C HIS B 117 -4.01 -0.79 10.99
N GLY B 118 -2.92 -1.48 11.36
CA GLY B 118 -1.61 -1.06 10.93
C GLY B 118 -1.36 -1.53 9.52
N LEU B 119 -0.86 -0.64 8.70
CA LEU B 119 -0.55 -0.94 7.30
C LEU B 119 0.96 -1.02 7.06
N GLY B 120 1.77 -0.83 8.10
CA GLY B 120 3.18 -0.68 7.82
C GLY B 120 3.39 0.56 6.99
N ALA B 121 4.39 0.49 6.11
CA ALA B 121 4.73 1.68 5.32
C ALA B 121 3.93 1.67 4.03
N CYS B 122 2.62 1.95 4.15
CA CYS B 122 1.80 1.80 2.94
C CYS B 122 0.57 2.65 3.14
N LEU B 123 0.12 3.32 2.07
CA LEU B 123 -1.06 4.16 2.19
C LEU B 123 -1.70 4.28 0.83
N GLY B 124 -2.99 4.03 0.76
CA GLY B 124 -3.72 4.19 -0.47
C GLY B 124 -3.42 3.06 -1.44
N PRO B 125 -3.53 3.33 -2.75
CA PRO B 125 -3.86 4.60 -3.43
C PRO B 125 -5.17 5.28 -3.05
N ARG B 126 -6.20 4.53 -2.69
CA ARG B 126 -7.50 5.10 -2.35
C ARG B 126 -7.58 5.26 -0.82
N ILE B 127 -8.11 6.38 -0.38
CA ILE B 127 -8.50 6.62 1.00
C ILE B 127 -9.91 7.18 1.00
N GLN B 128 -10.55 7.16 2.17
CA GLN B 128 -11.96 7.55 2.28
C GLN B 128 -12.06 8.96 2.88
N ILE B 129 -12.86 9.81 2.24
CA ILE B 129 -13.15 11.12 2.83
C ILE B 129 -13.71 10.93 4.25
N GLY B 130 -13.23 11.79 5.16
CA GLY B 130 -13.71 11.75 6.53
C GLY B 130 -13.09 10.70 7.41
N GLN B 131 -12.26 9.81 6.86
CA GLN B 131 -11.57 8.81 7.65
C GLN B 131 -10.16 9.29 7.96
N GLU B 132 -9.88 9.47 9.24
CA GLU B 132 -8.54 9.87 9.64
C GLU B 132 -7.49 8.79 9.38
N THR B 133 -6.37 9.21 8.82
CA THR B 133 -5.17 8.41 8.75
C THR B 133 -4.16 8.86 9.79
N VAL B 134 -3.49 7.89 10.44
CA VAL B 134 -2.44 8.19 11.41
C VAL B 134 -1.11 7.71 10.85
N ILE B 135 -0.18 8.63 10.61
CA ILE B 135 1.14 8.30 10.09
C ILE B 135 2.17 8.57 11.18
N THR B 136 2.88 7.53 11.61
CA THR B 136 3.89 7.64 12.65
C THR B 136 5.25 7.53 11.98
N VAL B 137 6.12 8.50 12.22
CA VAL B 137 7.45 8.48 11.67
C VAL B 137 8.42 8.30 12.82
N ASP B 138 9.30 7.33 12.70
CA ASP B 138 10.32 7.04 13.70
C ASP B 138 11.61 7.66 13.17
N ALA B 139 11.94 8.83 13.69
CA ALA B 139 13.13 9.58 13.31
C ALA B 139 14.28 9.36 14.29
N LYS B 140 14.17 8.33 15.14
CA LYS B 140 15.15 8.16 16.20
C LYS B 140 16.57 8.15 15.65
N ALA B 141 16.75 7.57 14.47
CA ALA B 141 18.08 7.38 13.95
C ALA B 141 18.51 8.46 12.99
N ALA B 142 17.67 9.47 12.75
CA ALA B 142 17.83 10.39 11.61
C ALA B 142 18.55 11.70 11.94
N GLY B 143 18.60 12.14 13.19
CA GLY B 143 19.18 13.41 13.58
C GLY B 143 18.25 14.24 14.45
N GLU B 144 18.75 15.43 14.82
CA GLU B 144 18.03 16.31 15.75
C GLU B 144 16.92 17.17 15.10
N ARG B 145 16.65 17.01 13.81
N ARG B 145 16.65 16.98 13.81
CA ARG B 145 15.68 17.87 13.13
CA ARG B 145 15.70 17.83 13.08
C ARG B 145 14.28 17.28 13.26
C ARG B 145 14.27 17.32 13.31
N LYS B 146 13.30 17.88 12.59
CA LYS B 146 11.90 17.53 12.76
C LYS B 146 11.33 16.94 11.50
N VAL B 147 10.19 16.26 11.65
CA VAL B 147 9.39 15.78 10.54
C VAL B 147 8.35 16.83 10.23
N THR B 148 8.17 17.09 8.94
CA THR B 148 7.12 17.99 8.47
C THR B 148 6.21 17.18 7.54
N CYS B 149 4.96 17.67 7.46
CA CYS B 149 3.95 17.01 6.60
C CYS B 149 3.24 18.10 5.85
N THR B 150 3.32 18.03 4.54
CA THR B 150 2.70 19.01 3.68
C THR B 150 1.77 18.29 2.71
N VAL B 151 0.51 18.69 2.65
CA VAL B 151 -0.50 18.02 1.87
C VAL B 151 -0.91 18.93 0.73
N SER B 152 -0.85 18.38 -0.48
CA SER B 152 -1.30 19.06 -1.69
C SER B 152 -2.67 18.52 -2.01
N THR B 153 -3.66 19.40 -1.94
CA THR B 153 -5.05 18.98 -2.09
C THR B 153 -5.53 19.15 -3.53
N PRO B 154 -6.69 18.57 -3.85
CA PRO B 154 -7.14 18.54 -5.25
C PRO B 154 -7.46 19.91 -5.82
N ASP B 155 -7.74 20.89 -4.97
CA ASP B 155 -7.96 22.25 -5.44
C ASP B 155 -6.65 23.01 -5.68
N GLY B 156 -5.50 22.42 -5.34
CA GLY B 156 -4.22 23.03 -5.60
C GLY B 156 -3.60 23.75 -4.44
N ALA B 157 -4.28 23.83 -3.30
CA ALA B 157 -3.68 24.40 -2.11
C ALA B 157 -2.60 23.48 -1.53
N GLU B 158 -1.79 24.05 -0.63
CA GLU B 158 -0.74 23.37 0.08
C GLU B 158 -1.02 23.62 1.55
N LEU B 159 -1.09 22.55 2.33
CA LEU B 159 -1.38 22.64 3.74
C LEU B 159 -0.22 22.14 4.56
N ASP B 160 0.16 22.93 5.58
CA ASP B 160 1.13 22.47 6.57
C ASP B 160 0.38 21.69 7.62
N VAL B 161 0.42 20.38 7.54
CA VAL B 161 -0.30 19.58 8.51
C VAL B 161 0.49 19.57 9.80
N ASP B 162 -0.20 19.84 10.91
CA ASP B 162 0.39 19.73 12.22
C ASP B 162 1.02 18.37 12.42
N VAL B 163 2.23 18.37 13.00
CA VAL B 163 2.98 17.13 13.24
C VAL B 163 3.25 17.07 14.73
N VAL B 164 2.67 16.07 15.41
CA VAL B 164 2.85 15.94 16.84
C VAL B 164 4.25 15.41 17.09
N GLU B 165 5.05 16.16 17.80
CA GLU B 165 6.38 15.73 18.21
C GLU B 165 6.28 15.11 19.58
N ASN B 166 6.56 13.82 19.68
CA ASN B 166 6.42 13.11 20.93
C ASN B 166 7.64 13.26 21.82
N HIS B 167 8.73 13.80 21.28
CA HIS B 167 9.97 14.10 22.01
C HIS B 167 10.77 12.86 22.35
N ASP B 168 10.43 11.71 21.77
CA ASP B 168 11.23 10.50 21.84
C ASP B 168 11.79 10.13 20.47
N GLY B 169 11.86 11.11 19.57
CA GLY B 169 12.35 10.89 18.24
C GLY B 169 11.28 10.41 17.29
N THR B 170 10.04 10.24 17.78
CA THR B 170 8.91 9.88 16.92
C THR B 170 7.96 11.06 16.75
N PHE B 171 7.22 11.00 15.63
CA PHE B 171 6.31 12.06 15.21
C PHE B 171 5.04 11.39 14.76
N ASP B 172 3.90 12.02 15.05
CA ASP B 172 2.61 11.48 14.62
C ASP B 172 1.93 12.53 13.78
N ILE B 173 1.39 12.08 12.66
CA ILE B 173 0.66 12.90 11.72
C ILE B 173 -0.78 12.40 11.66
N TYR B 174 -1.74 13.29 11.90
CA TYR B 174 -3.15 13.00 11.81
C TYR B 174 -3.72 13.79 10.65
N TYR B 175 -4.28 13.09 9.68
CA TYR B 175 -4.85 13.81 8.55
C TYR B 175 -6.09 13.09 8.07
N THR B 176 -7.12 13.88 7.76
CA THR B 176 -8.40 13.45 7.23
C THR B 176 -8.67 14.25 5.97
N ALA B 177 -8.94 13.55 4.88
CA ALA B 177 -9.26 14.18 3.59
C ALA B 177 -10.73 14.60 3.58
N PRO B 178 -11.05 15.88 3.38
CA PRO B 178 -12.47 16.30 3.42
C PRO B 178 -13.15 16.32 2.07
N GLU B 179 -12.41 16.27 0.97
CA GLU B 179 -13.04 16.39 -0.34
C GLU B 179 -12.54 15.28 -1.23
N PRO B 180 -13.34 14.87 -2.19
CA PRO B 180 -12.88 13.83 -3.11
C PRO B 180 -11.84 14.40 -4.06
N GLY B 181 -10.93 13.55 -4.49
CA GLY B 181 -9.94 13.95 -5.46
C GLY B 181 -8.55 13.57 -5.02
N LYS B 182 -7.57 14.14 -5.71
CA LYS B 182 -6.18 13.70 -5.56
C LYS B 182 -5.47 14.51 -4.49
N TYR B 183 -4.67 13.81 -3.67
CA TYR B 183 -3.88 14.45 -2.64
C TYR B 183 -2.46 13.94 -2.78
N VAL B 184 -1.52 14.79 -2.42
CA VAL B 184 -0.12 14.38 -2.28
C VAL B 184 0.24 14.66 -0.84
N ILE B 185 0.68 13.63 -0.12
CA ILE B 185 1.09 13.76 1.26
C ILE B 185 2.59 13.66 1.27
N THR B 186 3.24 14.79 1.51
CA THR B 186 4.71 14.88 1.47
C THR B 186 5.25 14.92 2.90
N ILE B 187 6.11 13.99 3.24
CA ILE B 187 6.62 13.86 4.60
C ILE B 187 8.13 13.97 4.49
N ARG B 188 8.68 15.03 5.12
CA ARG B 188 10.09 15.32 5.07
C ARG B 188 10.66 15.29 6.48
N PHE B 189 11.92 14.91 6.58
CA PHE B 189 12.71 15.04 7.78
C PHE B 189 13.87 15.98 7.47
N GLY B 190 13.97 17.05 8.23
CA GLY B 190 15.13 17.90 8.04
C GLY B 190 15.24 18.46 6.64
N GLY B 191 14.11 18.61 5.95
CA GLY B 191 14.08 19.19 4.62
C GLY B 191 13.92 18.20 3.49
N GLU B 192 14.07 16.91 3.75
CA GLU B 192 14.23 15.91 2.69
C GLU B 192 13.17 14.85 2.84
N HIS B 193 12.68 14.32 1.71
CA HIS B 193 11.69 13.25 1.78
C HIS B 193 12.18 12.06 2.60
N ILE B 194 11.26 11.48 3.38
CA ILE B 194 11.54 10.24 4.05
C ILE B 194 11.20 9.12 3.05
N PRO B 195 11.59 7.90 3.31
CA PRO B 195 11.24 6.81 2.40
C PRO B 195 9.72 6.73 2.20
N ASN B 196 9.31 6.53 0.95
CA ASN B 196 7.92 6.34 0.52
C ASN B 196 7.20 7.68 0.41
N SER B 197 7.85 8.79 0.78
CA SER B 197 7.30 10.10 0.50
C SER B 197 7.71 10.52 -0.88
N PRO B 198 6.80 11.16 -1.63
CA PRO B 198 5.44 11.51 -1.24
C PRO B 198 4.42 10.42 -1.50
N PHE B 199 3.39 10.37 -0.66
CA PHE B 199 2.30 9.44 -0.82
C PHE B 199 1.25 10.11 -1.73
N HIS B 200 1.00 9.51 -2.89
CA HIS B 200 -0.08 9.90 -3.77
C HIS B 200 -1.32 9.09 -3.47
N VAL B 201 -2.46 9.76 -3.21
CA VAL B 201 -3.68 9.08 -2.85
C VAL B 201 -4.86 9.78 -3.49
N LEU B 202 -5.95 9.02 -3.62
CA LEU B 202 -7.22 9.50 -4.15
C LEU B 202 -8.28 9.28 -3.09
N ALA B 203 -8.93 10.36 -2.64
CA ALA B 203 -9.98 10.29 -1.62
C ALA B 203 -11.36 10.13 -2.26
N THR B 204 -12.10 9.08 -1.84
CA THR B 204 -13.39 8.72 -2.42
C THR B 204 -14.44 8.47 -1.34
N GLU B 205 -15.71 8.59 -1.72
CA GLU B 205 -16.83 8.33 -0.80
C GLU B 205 -16.64 6.99 -0.09
#